data_5VLO
#
_entry.id   5VLO
#
_cell.length_a   54.473
_cell.length_b   67.546
_cell.length_c   85.450
_cell.angle_alpha   90.000
_cell.angle_beta   94.111
_cell.angle_gamma   90.000
#
_symmetry.space_group_name_H-M   'P 1 21 1'
#
loop_
_entity.id
_entity.type
_entity.pdbx_description
1 polymer 'Calcium/calmodulin-dependent protein kinase type II subunit delta'
2 non-polymer N-[(2S)-2-(diethylamino)propyl]-2-[(2S)-2-(methylcarbamoyl)azetidin-1-yl]-6-[5-(thiophen-2-yl)pyrazolo[1,5-a]pyrimidin-3-yl]pyridine-4-carboxamide
3 non-polymer 2,3-DIHYDROXY-1,4-DITHIOBUTANE
4 water water
#
_entity_poly.entity_id   1
_entity_poly.type   'polypeptide(L)'
_entity_poly.pdbx_seq_one_letter_code
;GHMSTTTCTRFTDEYQLFEELGKGAFSVVRRCMKIPTGQEYAAKIINTKKLSARDHQKLEREARICRLLKHPNIVRLHDS
ISEEGFHYLVFDLVTGGELFEDIVAREYYSEADASHCIQQILESVNHCHLNGIVHRDLKPENLLLASKSKGAAVKLADFG
LAIEVQGDQQAWFGFAGTPGYLSPEVLRKDPYGKPVDMWACGVILYILLVGYPPFWDEDQHRLYQQIKAGAYDFPSPEWD
TVTPEAKDLINKMLTINPAKRITASEALKHPWICQRSTVASMMHRQETVDCLKKFNARRKLK
;
_entity_poly.pdbx_strand_id   A,B
#
# COMPACT_ATOMS: atom_id res chain seq x y z
N THR A 9 -25.33 -21.89 16.70
CA THR A 9 -24.32 -22.66 15.97
C THR A 9 -24.13 -22.11 14.57
N ARG A 10 -24.66 -20.91 14.32
CA ARG A 10 -24.75 -20.40 12.96
C ARG A 10 -23.39 -19.99 12.39
N PHE A 11 -22.49 -19.47 13.23
CA PHE A 11 -21.20 -19.01 12.69
C PHE A 11 -20.32 -20.19 12.31
N THR A 12 -20.17 -21.17 13.21
CA THR A 12 -19.33 -22.33 12.91
C THR A 12 -19.87 -23.10 11.71
N ASP A 13 -21.17 -23.02 11.45
CA ASP A 13 -21.76 -23.77 10.35
C ASP A 13 -21.66 -23.03 9.01
N GLU A 14 -21.67 -21.70 9.03
CA GLU A 14 -21.83 -20.93 7.80
C GLU A 14 -20.61 -20.12 7.40
N TYR A 15 -19.61 -19.97 8.26
CA TYR A 15 -18.46 -19.10 7.98
C TYR A 15 -17.16 -19.89 8.05
N GLN A 16 -16.25 -19.58 7.12
CA GLN A 16 -14.89 -20.08 7.14
C GLN A 16 -13.98 -18.99 7.69
N LEU A 17 -13.15 -19.34 8.66
CA LEU A 17 -12.30 -18.37 9.34
C LEU A 17 -10.94 -18.27 8.65
N PHE A 18 -10.47 -17.02 8.47
CA PHE A 18 -9.17 -16.78 7.87
C PHE A 18 -8.24 -16.08 8.85
N GLU A 19 -7.34 -15.24 8.34
CA GLU A 19 -6.27 -14.69 9.16
C GLU A 19 -6.79 -13.60 10.09
N GLU A 20 -5.95 -13.25 11.06
CA GLU A 20 -6.30 -12.25 12.07
C GLU A 20 -6.06 -10.84 11.53
N LEU A 21 -7.01 -9.95 11.81
CA LEU A 21 -6.92 -8.57 11.35
C LEU A 21 -6.41 -7.61 12.40
N GLY A 22 -6.76 -7.83 13.67
CA GLY A 22 -6.31 -6.95 14.75
C GLY A 22 -6.80 -7.37 16.11
N PHE A 26 -10.15 -7.27 24.68
CA PHE A 26 -10.70 -8.58 24.99
C PHE A 26 -11.44 -9.18 23.80
N SER A 27 -10.82 -9.12 22.62
CA SER A 27 -11.46 -9.62 21.42
C SER A 27 -10.39 -9.86 20.36
N VAL A 28 -10.82 -10.50 19.26
CA VAL A 28 -10.00 -10.67 18.08
C VAL A 28 -10.87 -10.42 16.87
N VAL A 29 -10.29 -9.79 15.85
CA VAL A 29 -10.96 -9.53 14.58
C VAL A 29 -10.26 -10.35 13.52
N ARG A 30 -10.99 -11.26 12.89
CA ARG A 30 -10.45 -12.14 11.87
C ARG A 30 -11.30 -12.03 10.61
N ARG A 31 -10.64 -12.00 9.46
CA ARG A 31 -11.36 -12.07 8.20
C ARG A 31 -12.03 -13.43 8.06
N CYS A 32 -13.23 -13.44 7.50
CA CYS A 32 -13.96 -14.69 7.30
C CYS A 32 -14.76 -14.58 6.01
N MET A 33 -15.20 -15.73 5.52
CA MET A 33 -16.01 -15.80 4.31
C MET A 33 -17.27 -16.60 4.60
N LYS A 34 -18.41 -16.05 4.22
CA LYS A 34 -19.67 -16.79 4.33
C LYS A 34 -19.67 -17.92 3.31
N ILE A 35 -19.77 -19.16 3.80
CA ILE A 35 -19.68 -20.32 2.91
C ILE A 35 -20.78 -20.31 1.86
N PRO A 36 -22.06 -19.99 2.17
CA PRO A 36 -23.07 -19.90 1.10
C PRO A 36 -22.68 -19.01 -0.07
N THR A 37 -22.52 -17.70 0.19
CA THR A 37 -22.41 -16.72 -0.88
C THR A 37 -20.98 -16.46 -1.33
N GLY A 38 -19.99 -16.73 -0.49
CA GLY A 38 -18.62 -16.38 -0.80
C GLY A 38 -18.23 -14.96 -0.43
N GLN A 39 -19.16 -14.19 0.12
CA GLN A 39 -18.83 -12.84 0.57
C GLN A 39 -17.88 -12.89 1.76
N GLU A 40 -16.94 -11.96 1.79
CA GLU A 40 -15.97 -11.86 2.87
C GLU A 40 -16.44 -10.83 3.89
N TYR A 41 -16.08 -11.09 5.16
CA TYR A 41 -16.51 -10.24 6.26
C TYR A 41 -15.37 -10.13 7.28
N ALA A 42 -15.58 -9.27 8.26
CA ALA A 42 -14.70 -9.14 9.42
C ALA A 42 -15.50 -9.50 10.66
N ALA A 43 -15.01 -10.49 11.40
CA ALA A 43 -15.72 -11.03 12.56
C ALA A 43 -14.99 -10.64 13.83
N LYS A 44 -15.67 -9.90 14.71
CA LYS A 44 -15.16 -9.62 16.04
C LYS A 44 -15.61 -10.74 16.97
N ILE A 45 -14.63 -11.47 17.52
CA ILE A 45 -14.89 -12.68 18.30
C ILE A 45 -14.61 -12.38 19.76
N ILE A 46 -15.62 -12.62 20.61
CA ILE A 46 -15.55 -12.31 22.03
C ILE A 46 -15.85 -13.59 22.82
N ASN A 47 -14.94 -13.94 23.72
CA ASN A 47 -15.12 -15.10 24.59
C ASN A 47 -16.10 -14.74 25.70
N THR A 48 -17.21 -15.47 25.79
CA THR A 48 -18.28 -15.17 26.73
C THR A 48 -18.37 -16.16 27.88
N LYS A 49 -17.29 -16.90 28.16
CA LYS A 49 -17.30 -17.87 29.24
C LYS A 49 -17.03 -17.18 30.57
N LYS A 50 -17.85 -17.47 31.57
CA LYS A 50 -17.67 -16.98 32.93
C LYS A 50 -17.71 -15.46 33.03
N LEU A 51 -18.48 -14.82 32.16
CA LEU A 51 -18.63 -13.37 32.23
C LEU A 51 -19.49 -12.97 33.40
N SER A 52 -19.19 -11.81 33.98
CA SER A 52 -20.04 -11.25 35.02
C SER A 52 -21.31 -10.68 34.39
N ALA A 53 -22.30 -10.42 35.23
CA ALA A 53 -23.50 -9.74 34.76
C ALA A 53 -23.16 -8.38 34.16
N ARG A 54 -22.14 -7.71 34.70
CA ARG A 54 -21.69 -6.46 34.13
C ARG A 54 -21.06 -6.66 32.76
N ASP A 55 -20.33 -7.77 32.58
CA ASP A 55 -19.75 -8.07 31.27
C ASP A 55 -20.83 -8.41 30.25
N HIS A 56 -21.85 -9.17 30.66
CA HIS A 56 -22.93 -9.52 29.75
C HIS A 56 -23.67 -8.27 29.26
N GLN A 57 -23.82 -7.27 30.14
CA GLN A 57 -24.53 -6.06 29.75
C GLN A 57 -23.69 -5.17 28.84
N LYS A 58 -22.37 -5.13 29.04
CA LYS A 58 -21.52 -4.35 28.15
C LYS A 58 -21.51 -4.92 26.74
N LEU A 59 -21.47 -6.25 26.62
CA LEU A 59 -21.47 -6.88 25.30
C LEU A 59 -22.83 -6.73 24.64
N GLU A 60 -23.93 -6.84 25.42
CA GLU A 60 -25.26 -6.60 24.87
C GLU A 60 -25.41 -5.16 24.41
N ARG A 61 -24.79 -4.22 25.13
CA ARG A 61 -24.81 -2.83 24.71
C ARG A 61 -24.04 -2.64 23.41
N GLU A 62 -22.92 -3.35 23.25
CA GLU A 62 -22.12 -3.20 22.03
C GLU A 62 -22.86 -3.72 20.81
N ALA A 63 -23.50 -4.89 20.93
CA ALA A 63 -24.24 -5.44 19.81
C ALA A 63 -25.46 -4.59 19.47
N ARG A 64 -26.08 -4.00 20.50
CA ARG A 64 -27.21 -3.11 20.25
C ARG A 64 -26.78 -1.85 19.52
N ILE A 65 -25.66 -1.25 19.94
CA ILE A 65 -25.16 -0.03 19.30
C ILE A 65 -24.76 -0.32 17.86
N CYS A 66 -24.06 -1.43 17.63
CA CYS A 66 -23.63 -1.76 16.27
C CYS A 66 -24.83 -2.04 15.35
N ARG A 67 -25.91 -2.58 15.90
CA ARG A 67 -27.10 -2.82 15.08
C ARG A 67 -27.81 -1.52 14.73
N LEU A 68 -27.73 -0.51 15.60
CA LEU A 68 -28.46 0.73 15.37
C LEU A 68 -27.77 1.62 14.33
N LEU A 69 -26.45 1.67 14.35
CA LEU A 69 -25.71 2.65 13.55
C LEU A 69 -25.56 2.13 12.12
N LYS A 70 -26.26 2.77 11.18
CA LYS A 70 -26.13 2.49 9.76
C LYS A 70 -25.84 3.81 9.05
N HIS A 71 -24.61 3.97 8.58
CA HIS A 71 -24.16 5.23 8.01
C HIS A 71 -23.02 4.93 7.05
N PRO A 72 -22.86 5.72 5.97
CA PRO A 72 -21.77 5.45 5.03
C PRO A 72 -20.38 5.51 5.63
N ASN A 73 -20.19 6.19 6.76
CA ASN A 73 -18.88 6.35 7.36
C ASN A 73 -18.74 5.59 8.67
N ILE A 74 -19.51 4.52 8.83
CA ILE A 74 -19.45 3.66 10.01
C ILE A 74 -19.46 2.22 9.54
N VAL A 75 -18.65 1.37 10.17
CA VAL A 75 -18.65 -0.05 9.84
C VAL A 75 -20.05 -0.61 9.99
N ARG A 76 -20.41 -1.52 9.09
CA ARG A 76 -21.78 -1.98 8.95
C ARG A 76 -21.91 -3.38 9.51
N LEU A 77 -22.76 -3.55 10.51
CA LEU A 77 -22.97 -4.85 11.11
C LEU A 77 -23.84 -5.73 10.20
N HIS A 78 -23.37 -6.94 9.95
CA HIS A 78 -24.09 -7.90 9.11
C HIS A 78 -24.83 -8.96 9.90
N ASP A 79 -24.26 -9.42 11.02
CA ASP A 79 -24.89 -10.44 11.84
C ASP A 79 -24.30 -10.41 13.23
N SER A 80 -25.11 -10.80 14.21
CA SER A 80 -24.69 -10.90 15.61
C SER A 80 -25.06 -12.28 16.11
N ILE A 81 -24.07 -13.15 16.26
CA ILE A 81 -24.28 -14.57 16.49
C ILE A 81 -23.73 -14.94 17.85
N SER A 82 -24.56 -15.56 18.69
CA SER A 82 -24.18 -16.00 20.02
C SER A 82 -24.17 -17.53 20.05
N GLU A 83 -22.96 -18.10 20.06
CA GLU A 83 -22.79 -19.53 20.26
C GLU A 83 -22.40 -19.78 21.71
N GLU A 84 -22.14 -21.05 22.03
CA GLU A 84 -21.79 -21.43 23.39
C GLU A 84 -20.31 -21.14 23.63
N GLY A 85 -20.03 -20.19 24.52
CA GLY A 85 -18.68 -19.80 24.84
C GLY A 85 -18.13 -18.64 24.03
N PHE A 86 -18.79 -18.27 22.93
CA PHE A 86 -18.29 -17.23 22.05
C PHE A 86 -19.45 -16.43 21.48
N HIS A 87 -19.19 -15.16 21.21
CA HIS A 87 -20.11 -14.29 20.50
C HIS A 87 -19.40 -13.71 19.27
N TYR A 88 -20.14 -13.55 18.18
CA TYR A 88 -19.58 -13.09 16.92
C TYR A 88 -20.35 -11.86 16.44
N LEU A 89 -19.63 -10.76 16.24
CA LEU A 89 -20.15 -9.57 15.58
C LEU A 89 -19.54 -9.52 14.18
N VAL A 90 -20.37 -9.72 13.17
CA VAL A 90 -19.91 -9.87 11.79
C VAL A 90 -20.19 -8.58 11.04
N PHE A 91 -19.13 -7.97 10.51
CA PHE A 91 -19.23 -6.70 9.79
C PHE A 91 -18.80 -6.88 8.34
N ASP A 92 -19.25 -5.96 7.49
CA ASP A 92 -18.72 -5.87 6.13
C ASP A 92 -17.21 -5.67 6.18
N LEU A 93 -16.49 -6.36 5.30
CA LEU A 93 -15.05 -6.21 5.24
C LEU A 93 -14.70 -4.96 4.44
N VAL A 94 -13.91 -4.07 5.05
CA VAL A 94 -13.30 -2.95 4.35
C VAL A 94 -11.82 -3.26 4.17
N THR A 95 -11.28 -2.93 2.99
CA THR A 95 -9.96 -3.39 2.60
C THR A 95 -8.99 -2.25 2.30
N GLY A 96 -9.38 -1.00 2.52
CA GLY A 96 -8.50 0.12 2.24
C GLY A 96 -7.40 0.35 3.26
N GLY A 97 -7.42 -0.35 4.38
CA GLY A 97 -6.43 -0.16 5.42
C GLY A 97 -6.74 1.03 6.30
N GLU A 98 -5.82 1.29 7.23
CA GLU A 98 -5.97 2.43 8.13
C GLU A 98 -5.81 3.74 7.38
N LEU A 99 -6.53 4.76 7.86
CA LEU A 99 -6.50 6.06 7.18
C LEU A 99 -5.11 6.67 7.21
N PHE A 100 -4.44 6.62 8.36
CA PHE A 100 -3.14 7.26 8.48
C PHE A 100 -2.08 6.56 7.65
N GLU A 101 -2.23 5.24 7.43
CA GLU A 101 -1.28 4.54 6.57
C GLU A 101 -1.52 4.87 5.10
N ASP A 102 -2.77 5.17 4.73
CA ASP A 102 -3.05 5.56 3.35
C ASP A 102 -2.51 6.95 3.04
N ILE A 103 -2.50 7.84 4.03
CA ILE A 103 -2.08 9.22 3.79
C ILE A 103 -0.58 9.29 3.53
N VAL A 104 0.22 8.55 4.30
CA VAL A 104 1.66 8.58 4.13
C VAL A 104 2.12 7.94 2.82
N ALA A 105 1.22 7.26 2.11
CA ALA A 105 1.52 6.68 0.82
C ALA A 105 1.13 7.58 -0.34
N ARG A 106 0.57 8.74 -0.06
CA ARG A 106 0.14 9.67 -1.10
C ARG A 106 1.31 10.55 -1.53
N GLU A 107 1.37 10.85 -2.82
CA GLU A 107 2.35 11.79 -3.35
C GLU A 107 1.84 13.22 -3.36
N TYR A 108 0.52 13.40 -3.23
CA TYR A 108 -0.10 14.72 -3.10
C TYR A 108 -1.09 14.69 -1.96
N TYR A 109 -0.89 15.56 -0.97
CA TYR A 109 -1.75 15.61 0.21
C TYR A 109 -1.77 17.04 0.71
N SER A 110 -2.96 17.65 0.73
CA SER A 110 -3.10 19.07 1.05
C SER A 110 -4.15 19.24 2.15
N GLU A 111 -4.34 20.51 2.56
CA GLU A 111 -5.41 20.85 3.48
C GLU A 111 -6.77 20.37 2.96
N ALA A 112 -6.99 20.52 1.64
CA ALA A 112 -8.26 20.09 1.06
C ALA A 112 -8.49 18.61 1.29
N ASP A 113 -7.43 17.79 1.19
CA ASP A 113 -7.60 16.36 1.44
C ASP A 113 -7.84 16.09 2.91
N ALA A 114 -7.16 16.82 3.80
CA ALA A 114 -7.40 16.66 5.23
C ALA A 114 -8.82 17.10 5.60
N SER A 115 -9.32 18.16 4.95
CA SER A 115 -10.68 18.60 5.21
C SER A 115 -11.70 17.56 4.75
N HIS A 116 -11.41 16.89 3.63
CA HIS A 116 -12.30 15.84 3.15
C HIS A 116 -12.32 14.66 4.13
N CYS A 117 -11.16 14.30 4.68
CA CYS A 117 -11.09 13.20 5.63
C CYS A 117 -11.85 13.53 6.93
N ILE A 118 -11.60 14.71 7.48
CA ILE A 118 -12.22 15.08 8.74
C ILE A 118 -13.71 15.35 8.57
N GLN A 119 -14.16 15.73 7.37
CA GLN A 119 -15.59 15.87 7.13
C GLN A 119 -16.30 14.53 7.26
N GLN A 120 -15.71 13.47 6.71
CA GLN A 120 -16.30 12.14 6.82
C GLN A 120 -16.30 11.65 8.27
N ILE A 121 -15.22 11.91 8.99
CA ILE A 121 -15.17 11.57 10.42
C ILE A 121 -16.24 12.33 11.17
N LEU A 122 -16.39 13.63 10.87
CA LEU A 122 -17.41 14.42 11.53
C LEU A 122 -18.81 13.91 11.21
N GLU A 123 -19.02 13.41 9.98
CA GLU A 123 -20.32 12.87 9.62
C GLU A 123 -20.66 11.64 10.47
N SER A 124 -19.67 10.78 10.73
CA SER A 124 -19.93 9.58 11.51
C SER A 124 -20.14 9.92 12.99
N VAL A 125 -19.39 10.88 13.51
CA VAL A 125 -19.57 11.29 14.90
C VAL A 125 -20.91 11.99 15.08
N ASN A 126 -21.30 12.83 14.12
CA ASN A 126 -22.62 13.44 14.16
C ASN A 126 -23.70 12.38 14.17
N HIS A 127 -23.56 11.35 13.34
CA HIS A 127 -24.57 10.29 13.29
C HIS A 127 -24.66 9.53 14.61
N CYS A 128 -23.51 9.31 15.25
CA CYS A 128 -23.53 8.67 16.57
C CYS A 128 -24.27 9.53 17.59
N HIS A 129 -23.99 10.83 17.60
CA HIS A 129 -24.57 11.70 18.61
C HIS A 129 -26.07 11.91 18.40
N LEU A 130 -26.52 11.91 17.13
CA LEU A 130 -27.96 12.01 16.87
C LEU A 130 -28.70 10.79 17.40
N ASN A 131 -28.03 9.63 17.46
CA ASN A 131 -28.61 8.40 17.96
C ASN A 131 -28.26 8.14 19.43
N GLY A 132 -27.74 9.15 20.13
CA GLY A 132 -27.47 9.01 21.54
C GLY A 132 -26.32 8.09 21.89
N ILE A 133 -25.29 8.05 21.05
CA ILE A 133 -24.11 7.20 21.29
C ILE A 133 -22.88 8.10 21.31
N VAL A 134 -22.06 7.93 22.35
CA VAL A 134 -20.78 8.59 22.45
C VAL A 134 -19.70 7.53 22.32
N HIS A 135 -18.85 7.66 21.29
CA HIS A 135 -17.88 6.62 20.99
C HIS A 135 -16.85 6.47 22.11
N ARG A 136 -16.34 7.60 22.62
CA ARG A 136 -15.41 7.72 23.74
C ARG A 136 -13.98 7.30 23.42
N ASP A 137 -13.71 6.72 22.26
CA ASP A 137 -12.37 6.22 21.95
C ASP A 137 -12.01 6.48 20.49
N LEU A 138 -12.20 7.71 20.03
CA LEU A 138 -11.76 8.08 18.70
C LEU A 138 -10.24 8.11 18.65
N LYS A 139 -9.66 7.41 17.68
CA LYS A 139 -8.22 7.34 17.51
C LYS A 139 -7.92 6.81 16.12
N PRO A 140 -6.69 6.99 15.62
CA PRO A 140 -6.40 6.57 14.23
C PRO A 140 -6.63 5.08 13.99
N GLU A 141 -6.32 4.23 14.97
CA GLU A 141 -6.52 2.80 14.77
C GLU A 141 -7.98 2.43 14.55
N ASN A 142 -8.91 3.30 14.90
CA ASN A 142 -10.33 3.05 14.69
C ASN A 142 -10.85 3.71 13.42
N LEU A 143 -9.97 4.26 12.60
CA LEU A 143 -10.35 4.95 11.36
C LEU A 143 -9.86 4.10 10.19
N LEU A 144 -10.75 3.28 9.65
CA LEU A 144 -10.45 2.42 8.52
C LEU A 144 -10.93 3.06 7.23
N LEU A 145 -10.57 2.44 6.11
CA LEU A 145 -10.90 2.97 4.79
C LEU A 145 -11.56 1.90 3.94
N ALA A 146 -12.61 2.30 3.22
CA ALA A 146 -13.11 1.47 2.14
C ALA A 146 -12.06 1.41 1.02
N SER A 147 -12.15 0.36 0.21
CA SER A 147 -11.21 0.22 -0.90
C SER A 147 -11.34 1.39 -1.86
N LYS A 148 -10.21 1.71 -2.52
CA LYS A 148 -10.23 2.74 -3.55
C LYS A 148 -11.26 2.41 -4.63
N SER A 149 -11.44 1.12 -4.94
CA SER A 149 -12.42 0.70 -5.93
C SER A 149 -13.85 0.84 -5.45
N LYS A 150 -14.07 1.13 -4.16
CA LYS A 150 -15.41 1.29 -3.61
C LYS A 150 -15.72 2.72 -3.19
N GLY A 151 -14.81 3.66 -3.39
CA GLY A 151 -15.03 5.05 -3.04
C GLY A 151 -14.12 5.59 -1.95
N ALA A 152 -13.40 4.74 -1.23
CA ALA A 152 -12.39 5.15 -0.26
C ALA A 152 -13.00 5.97 0.89
N ALA A 153 -14.20 5.60 1.30
CA ALA A 153 -14.84 6.30 2.41
C ALA A 153 -14.18 5.90 3.73
N VAL A 154 -14.05 6.88 4.62
CA VAL A 154 -13.55 6.61 5.96
C VAL A 154 -14.63 5.88 6.76
N LYS A 155 -14.22 4.88 7.53
CA LYS A 155 -15.13 4.05 8.30
C LYS A 155 -14.74 4.09 9.77
N LEU A 156 -15.64 4.60 10.61
CA LEU A 156 -15.45 4.54 12.05
C LEU A 156 -15.77 3.14 12.56
N ALA A 157 -14.90 2.58 13.40
CA ALA A 157 -15.00 1.19 13.79
C ALA A 157 -14.91 1.05 15.31
N ASP A 158 -15.38 -0.10 15.79
CA ASP A 158 -15.30 -0.53 17.18
C ASP A 158 -16.09 0.36 18.13
N PHE A 159 -17.19 -0.16 18.65
CA PHE A 159 -18.01 0.53 19.65
C PHE A 159 -18.04 -0.24 20.96
N GLY A 160 -16.98 -0.98 21.26
CA GLY A 160 -16.91 -1.73 22.50
C GLY A 160 -16.85 -0.83 23.73
N LEU A 161 -16.41 0.41 23.57
CA LEU A 161 -16.36 1.37 24.67
C LEU A 161 -17.43 2.45 24.57
N ALA A 162 -18.30 2.38 23.56
CA ALA A 162 -19.33 3.39 23.39
C ALA A 162 -20.39 3.29 24.50
N ILE A 163 -21.02 4.42 24.79
CA ILE A 163 -22.07 4.50 25.79
C ILE A 163 -23.31 5.10 25.16
N GLU A 164 -24.46 4.80 25.74
CA GLU A 164 -25.74 5.37 25.32
C GLU A 164 -26.13 6.48 26.27
N VAL A 165 -26.48 7.64 25.71
CA VAL A 165 -26.85 8.81 26.50
C VAL A 165 -28.25 9.25 26.08
N GLN A 166 -28.90 9.99 26.99
CA GLN A 166 -30.24 10.51 26.79
C GLN A 166 -30.15 12.01 26.51
N GLY A 167 -30.25 12.38 25.24
CA GLY A 167 -30.16 13.79 24.87
C GLY A 167 -28.83 14.36 25.30
N ASP A 168 -28.88 15.44 26.09
CA ASP A 168 -27.69 16.08 26.61
C ASP A 168 -27.38 15.68 28.05
N GLN A 169 -27.98 14.59 28.53
CA GLN A 169 -27.66 14.08 29.85
C GLN A 169 -26.19 13.74 29.94
N GLN A 170 -25.53 14.23 30.98
CA GLN A 170 -24.10 14.01 31.18
C GLN A 170 -23.84 13.61 32.62
N ALA A 171 -22.93 12.65 32.80
CA ALA A 171 -22.54 12.19 34.12
C ALA A 171 -21.10 11.70 34.03
N TRP A 172 -20.54 11.35 35.19
CA TRP A 172 -19.23 10.69 35.20
C TRP A 172 -19.44 9.23 34.87
N PHE A 173 -19.41 8.92 33.58
CA PHE A 173 -19.59 7.56 33.08
C PHE A 173 -18.35 6.70 33.27
N GLY A 174 -17.40 7.12 34.10
CA GLY A 174 -16.18 6.37 34.31
C GLY A 174 -15.12 6.69 33.26
N PHE A 175 -13.92 6.17 33.51
CA PHE A 175 -12.80 6.43 32.62
C PHE A 175 -12.90 5.57 31.36
N ALA A 176 -12.47 6.16 30.24
CA ALA A 176 -12.36 5.47 28.96
C ALA A 176 -11.62 6.39 28.00
N GLY A 177 -10.83 5.79 27.12
CA GLY A 177 -10.12 6.52 26.10
C GLY A 177 -8.64 6.18 26.09
N THR A 178 -7.94 6.81 25.13
CA THR A 178 -6.51 6.63 24.92
C THR A 178 -5.78 7.91 25.27
N PRO A 179 -4.65 7.83 26.02
CA PRO A 179 -4.02 9.03 26.60
C PRO A 179 -3.94 10.27 25.72
N GLY A 180 -3.38 10.14 24.51
CA GLY A 180 -3.20 11.31 23.67
C GLY A 180 -4.48 11.98 23.22
N TYR A 181 -5.62 11.30 23.37
CA TYR A 181 -6.89 11.80 22.87
C TYR A 181 -7.90 12.08 23.97
N LEU A 182 -7.51 11.95 25.23
CA LEU A 182 -8.42 12.18 26.34
C LEU A 182 -8.74 13.67 26.47
N SER A 183 -9.99 13.96 26.79
CA SER A 183 -10.45 15.32 26.96
C SER A 183 -10.11 15.83 28.37
N PRO A 184 -10.08 17.15 28.56
CA PRO A 184 -9.80 17.67 29.91
C PRO A 184 -10.84 17.26 30.95
N GLU A 185 -12.11 17.17 30.56
CA GLU A 185 -13.16 16.85 31.53
C GLU A 185 -13.06 15.41 32.02
N VAL A 186 -12.65 14.49 31.16
CA VAL A 186 -12.46 13.10 31.60
C VAL A 186 -11.23 13.01 32.51
N LEU A 187 -10.19 13.78 32.21
CA LEU A 187 -9.00 13.78 33.07
C LEU A 187 -9.30 14.39 34.43
N ARG A 188 -10.21 15.36 34.50
CA ARG A 188 -10.63 15.93 35.78
C ARG A 188 -11.65 15.06 36.49
N LYS A 189 -12.09 13.97 35.86
CA LYS A 189 -13.18 13.14 36.38
C LYS A 189 -14.46 13.94 36.58
N ASP A 190 -14.68 14.93 35.71
CA ASP A 190 -15.92 15.67 35.65
C ASP A 190 -16.98 14.89 34.88
N PRO A 191 -18.25 15.26 35.01
CA PRO A 191 -19.26 14.67 34.12
C PRO A 191 -19.01 15.08 32.69
N TYR A 192 -19.27 14.15 31.76
CA TYR A 192 -18.99 14.39 30.35
C TYR A 192 -20.06 13.74 29.50
N GLY A 193 -19.94 13.92 28.19
CA GLY A 193 -20.85 13.33 27.23
C GLY A 193 -20.34 13.45 25.81
N LYS A 194 -21.21 13.88 24.90
CA LYS A 194 -20.85 14.00 23.49
C LYS A 194 -19.59 14.81 23.21
N PRO A 195 -19.33 15.95 23.86
CA PRO A 195 -18.16 16.77 23.46
C PRO A 195 -16.82 16.05 23.55
N VAL A 196 -16.73 14.91 24.25
CA VAL A 196 -15.44 14.23 24.34
C VAL A 196 -15.02 13.67 22.99
N ASP A 197 -15.99 13.33 22.13
CA ASP A 197 -15.65 12.90 20.78
C ASP A 197 -15.18 14.07 19.92
N MET A 198 -15.68 15.27 20.20
CA MET A 198 -15.27 16.44 19.42
C MET A 198 -13.85 16.86 19.79
N TRP A 199 -13.47 16.73 21.06
CA TRP A 199 -12.08 16.97 21.44
C TRP A 199 -11.13 16.02 20.72
N ALA A 200 -11.50 14.74 20.68
CA ALA A 200 -10.68 13.76 19.96
C ALA A 200 -10.60 14.10 18.47
N CYS A 201 -11.71 14.57 17.89
CA CYS A 201 -11.68 15.02 16.50
C CYS A 201 -10.71 16.18 16.32
N GLY A 202 -10.57 17.04 17.32
CA GLY A 202 -9.63 18.14 17.21
C GLY A 202 -8.18 17.69 17.25
N VAL A 203 -7.87 16.70 18.08
CA VAL A 203 -6.52 16.14 18.11
C VAL A 203 -6.20 15.49 16.77
N ILE A 204 -7.15 14.76 16.20
CA ILE A 204 -6.92 14.07 14.93
C ILE A 204 -6.76 15.07 13.80
N LEU A 205 -7.59 16.12 13.77
CA LEU A 205 -7.45 17.15 12.75
C LEU A 205 -6.09 17.82 12.83
N TYR A 206 -5.60 18.06 14.05
CA TYR A 206 -4.25 18.60 14.24
C TYR A 206 -3.21 17.68 13.62
N ILE A 207 -3.30 16.38 13.90
CA ILE A 207 -2.34 15.42 13.37
C ILE A 207 -2.42 15.38 11.84
N LEU A 208 -3.65 15.43 11.30
CA LEU A 208 -3.83 15.37 9.85
C LEU A 208 -3.15 16.53 9.13
N LEU A 209 -2.90 17.64 9.82
CA LEU A 209 -2.33 18.80 9.16
C LEU A 209 -0.81 18.88 9.24
N VAL A 210 -0.20 18.38 10.31
CA VAL A 210 1.25 18.54 10.48
C VAL A 210 1.93 17.21 10.77
N GLY A 211 1.16 16.18 11.08
CA GLY A 211 1.74 14.86 11.25
C GLY A 211 2.30 14.56 12.62
N TYR A 212 2.05 15.39 13.61
CA TYR A 212 2.45 15.15 14.98
C TYR A 212 1.32 15.68 15.89
N PRO A 213 1.21 15.14 17.10
CA PRO A 213 0.04 15.45 17.94
C PRO A 213 0.17 16.81 18.61
N PRO A 214 -0.96 17.42 18.98
CA PRO A 214 -0.89 18.73 19.65
C PRO A 214 -0.44 18.66 21.09
N PHE A 215 -0.74 17.58 21.80
CA PHE A 215 -0.33 17.39 23.18
C PHE A 215 0.56 16.15 23.25
N TRP A 216 1.74 16.29 23.82
CA TRP A 216 2.66 15.16 23.85
C TRP A 216 3.77 15.39 24.87
N ASP A 217 4.11 14.31 25.59
CA ASP A 217 5.22 14.26 26.52
C ASP A 217 5.49 12.79 26.82
N GLU A 218 6.77 12.40 26.84
CA GLU A 218 7.10 11.03 27.22
C GLU A 218 6.68 10.74 28.66
N ASP A 219 6.55 11.77 29.49
CA ASP A 219 6.00 11.65 30.83
C ASP A 219 4.48 11.79 30.71
N GLN A 220 3.77 10.67 30.90
CA GLN A 220 2.32 10.67 30.70
C GLN A 220 1.63 11.67 31.61
N HIS A 221 2.15 11.87 32.82
CA HIS A 221 1.52 12.83 33.73
C HIS A 221 1.71 14.26 33.25
N ARG A 222 2.86 14.56 32.65
CA ARG A 222 3.03 15.88 32.04
C ARG A 222 2.17 16.03 30.80
N LEU A 223 1.94 14.92 30.07
CA LEU A 223 0.98 14.95 28.98
C LEU A 223 -0.40 15.34 29.47
N TYR A 224 -0.85 14.77 30.59
CA TYR A 224 -2.16 15.09 31.12
C TYR A 224 -2.24 16.53 31.60
N GLN A 225 -1.16 17.04 32.19
CA GLN A 225 -1.13 18.44 32.61
C GLN A 225 -1.33 19.38 31.43
N GLN A 226 -0.68 19.09 30.30
CA GLN A 226 -0.81 19.93 29.13
C GLN A 226 -2.22 19.86 28.56
N ILE A 227 -2.83 18.68 28.58
CA ILE A 227 -4.19 18.53 28.04
C ILE A 227 -5.18 19.33 28.86
N LYS A 228 -5.11 19.22 30.19
CA LYS A 228 -6.06 19.92 31.04
C LYS A 228 -5.89 21.43 30.95
N ALA A 229 -4.70 21.90 30.61
CA ALA A 229 -4.50 23.32 30.35
C ALA A 229 -4.89 23.72 28.93
N GLY A 230 -5.15 22.75 28.05
CA GLY A 230 -5.46 23.05 26.67
C GLY A 230 -4.37 23.81 25.95
N ALA A 231 -3.12 23.55 26.30
CA ALA A 231 -2.00 24.36 25.82
C ALA A 231 -1.33 23.66 24.64
N TYR A 232 -1.92 23.87 23.47
CA TYR A 232 -1.34 23.55 22.19
C TYR A 232 -0.99 24.85 21.48
N ASP A 233 -0.18 24.76 20.44
CA ASP A 233 0.15 25.95 19.65
C ASP A 233 0.42 25.52 18.21
N PHE A 234 0.63 26.53 17.35
CA PHE A 234 0.87 26.35 15.92
C PHE A 234 2.27 26.88 15.62
N PRO A 235 3.32 26.12 15.94
CA PRO A 235 4.68 26.65 15.80
C PRO A 235 5.07 26.85 14.34
N SER A 236 5.87 27.88 14.12
CA SER A 236 6.51 28.10 12.82
C SER A 236 7.65 27.09 12.69
N PRO A 237 8.04 26.74 11.46
CA PRO A 237 7.53 27.24 10.18
C PRO A 237 6.36 26.46 9.57
N GLU A 238 6.14 25.22 10.01
CA GLU A 238 5.19 24.36 9.30
C GLU A 238 3.76 24.90 9.35
N TRP A 239 3.40 25.61 10.42
CA TRP A 239 2.05 26.15 10.51
C TRP A 239 1.90 27.49 9.81
N ASP A 240 2.98 28.08 9.29
CA ASP A 240 2.88 29.37 8.62
C ASP A 240 2.10 29.27 7.32
N THR A 241 2.08 28.11 6.69
CA THR A 241 1.39 27.91 5.43
C THR A 241 -0.03 27.37 5.59
N VAL A 242 -0.47 27.17 6.83
CA VAL A 242 -1.82 26.66 7.09
C VAL A 242 -2.80 27.83 7.13
N THR A 243 -3.95 27.65 6.48
CA THR A 243 -4.94 28.71 6.42
C THR A 243 -5.44 29.05 7.82
N PRO A 244 -5.82 30.31 8.06
CA PRO A 244 -6.36 30.67 9.38
C PRO A 244 -7.68 29.98 9.69
N GLU A 245 -8.49 29.67 8.67
CA GLU A 245 -9.76 28.99 8.92
C GLU A 245 -9.54 27.59 9.47
N ALA A 246 -8.50 26.91 9.00
CA ALA A 246 -8.18 25.58 9.55
C ALA A 246 -7.74 25.67 11.00
N LYS A 247 -6.92 26.66 11.33
CA LYS A 247 -6.54 26.90 12.73
C LYS A 247 -7.77 27.23 13.57
N ASP A 248 -8.73 27.95 12.99
CA ASP A 248 -9.92 28.34 13.73
C ASP A 248 -10.76 27.12 14.09
N LEU A 249 -10.89 26.16 13.17
CA LEU A 249 -11.67 24.96 13.47
C LEU A 249 -11.03 24.15 14.58
N ILE A 250 -9.71 24.04 14.58
CA ILE A 250 -9.00 23.36 15.67
C ILE A 250 -9.25 24.07 16.98
N ASN A 251 -9.20 25.40 16.98
CA ASN A 251 -9.45 26.17 18.19
C ASN A 251 -10.83 25.84 18.77
N LYS A 252 -11.85 25.79 17.91
CA LYS A 252 -13.20 25.53 18.38
C LYS A 252 -13.40 24.08 18.80
N MET A 253 -12.54 23.16 18.34
CA MET A 253 -12.61 21.77 18.76
C MET A 253 -11.83 21.50 20.03
N LEU A 254 -10.70 22.18 20.24
CA LEU A 254 -9.85 21.96 21.41
C LEU A 254 -10.09 23.01 22.48
N THR A 255 -11.35 23.38 22.70
CA THR A 255 -11.73 24.27 23.78
C THR A 255 -11.97 23.46 25.05
N ILE A 256 -11.29 23.84 26.14
CA ILE A 256 -11.37 23.06 27.38
C ILE A 256 -12.73 23.15 28.02
N ASN A 257 -13.51 24.20 27.74
CA ASN A 257 -14.87 24.29 28.23
C ASN A 257 -15.76 23.41 27.37
N PRO A 258 -16.30 22.31 27.90
CA PRO A 258 -17.09 21.40 27.07
C PRO A 258 -18.36 22.03 26.53
N ALA A 259 -18.88 23.06 27.20
CA ALA A 259 -20.11 23.70 26.73
C ALA A 259 -19.84 24.60 25.53
N LYS A 260 -18.68 25.27 25.50
CA LYS A 260 -18.33 26.14 24.39
C LYS A 260 -17.74 25.38 23.21
N ARG A 261 -17.34 24.12 23.41
CA ARG A 261 -16.72 23.35 22.34
C ARG A 261 -17.71 23.16 21.20
N ILE A 262 -17.20 23.24 19.97
CA ILE A 262 -18.05 23.10 18.80
C ILE A 262 -18.61 21.67 18.75
N THR A 263 -19.82 21.54 18.23
CA THR A 263 -20.46 20.24 18.07
C THR A 263 -20.22 19.73 16.65
N ALA A 264 -20.58 18.46 16.43
CA ALA A 264 -20.32 17.81 15.15
C ALA A 264 -21.11 18.48 14.02
N SER A 265 -22.38 18.75 14.26
CA SER A 265 -23.20 19.39 13.23
C SER A 265 -22.77 20.83 13.00
N GLU A 266 -22.38 21.53 14.07
CA GLU A 266 -21.82 22.88 13.89
C GLU A 266 -20.53 22.83 13.08
N ALA A 267 -19.68 21.83 13.34
CA ALA A 267 -18.42 21.73 12.62
C ALA A 267 -18.63 21.45 11.13
N LEU A 268 -19.67 20.70 10.79
CA LEU A 268 -19.97 20.43 9.39
C LEU A 268 -20.40 21.67 8.63
N LYS A 269 -20.65 22.79 9.32
CA LYS A 269 -20.99 24.05 8.68
C LYS A 269 -19.83 25.05 8.71
N HIS A 270 -18.69 24.67 9.28
CA HIS A 270 -17.53 25.55 9.27
C HIS A 270 -17.07 25.77 7.83
N PRO A 271 -16.62 26.98 7.48
CA PRO A 271 -16.24 27.23 6.08
C PRO A 271 -15.12 26.32 5.57
N TRP A 272 -14.16 25.97 6.43
CA TRP A 272 -13.08 25.09 6.02
C TRP A 272 -13.59 23.69 5.67
N ILE A 273 -14.80 23.33 6.11
CA ILE A 273 -15.37 22.01 5.85
C ILE A 273 -16.29 22.06 4.64
N CYS A 274 -17.28 22.94 4.68
CA CYS A 274 -18.33 22.98 3.66
C CYS A 274 -18.00 23.91 2.50
N GLN A 275 -16.90 24.65 2.56
CA GLN A 275 -16.43 25.48 1.45
C GLN A 275 -14.98 25.13 1.13
N ARG A 276 -14.74 23.83 0.93
CA ARG A 276 -13.37 23.32 0.88
C ARG A 276 -12.58 23.92 -0.28
N SER A 277 -13.18 23.95 -1.48
CA SER A 277 -12.43 24.33 -2.67
C SER A 277 -12.02 25.80 -2.68
N THR A 278 -12.64 26.65 -1.87
CA THR A 278 -12.31 28.06 -1.84
C THR A 278 -11.64 28.52 -0.54
N VAL A 279 -11.62 27.68 0.49
CA VAL A 279 -11.09 28.06 1.80
C VAL A 279 -9.85 27.25 2.16
N ALA A 280 -9.84 25.97 1.85
CA ALA A 280 -8.71 25.12 2.20
C ALA A 280 -7.60 25.25 1.16
N SER A 281 -6.36 25.31 1.64
CA SER A 281 -5.21 25.37 0.75
C SER A 281 -5.04 24.07 -0.02
N MET A 282 -4.59 24.19 -1.26
CA MET A 282 -4.37 23.04 -2.13
C MET A 282 -2.89 22.71 -2.29
N MET A 283 -2.01 23.35 -1.52
CA MET A 283 -0.59 23.11 -1.60
C MET A 283 -0.22 21.79 -0.93
N HIS A 284 0.67 21.03 -1.57
CA HIS A 284 1.12 19.76 -1.00
C HIS A 284 1.97 20.01 0.23
N ARG A 285 1.76 19.20 1.26
CA ARG A 285 2.42 19.33 2.54
C ARG A 285 3.31 18.11 2.75
N GLN A 286 4.50 18.15 2.15
CA GLN A 286 5.41 17.01 2.22
C GLN A 286 5.90 16.78 3.65
N GLU A 287 6.12 17.85 4.40
CA GLU A 287 6.57 17.72 5.78
C GLU A 287 5.53 17.01 6.64
N THR A 288 4.25 17.17 6.33
CA THR A 288 3.21 16.44 7.05
C THR A 288 3.32 14.95 6.76
N VAL A 289 3.54 14.56 5.50
CA VAL A 289 3.70 13.15 5.16
C VAL A 289 4.91 12.57 5.87
N ASP A 290 6.01 13.32 5.92
CA ASP A 290 7.22 12.81 6.57
C ASP A 290 7.01 12.65 8.07
N CYS A 291 6.38 13.64 8.72
CA CYS A 291 6.14 13.54 10.15
C CYS A 291 5.13 12.44 10.47
N LEU A 292 4.15 12.23 9.60
CA LEU A 292 3.15 11.21 9.85
C LEU A 292 3.74 9.80 9.72
N LYS A 293 4.74 9.63 8.86
CA LYS A 293 5.46 8.36 8.81
C LYS A 293 6.14 8.07 10.15
N LYS A 294 6.74 9.09 10.76
CA LYS A 294 7.31 8.91 12.09
C LYS A 294 6.22 8.64 13.12
N PHE A 295 5.08 9.34 13.01
CA PHE A 295 3.98 9.15 13.94
C PHE A 295 3.46 7.71 13.89
N ASN A 296 3.24 7.18 12.68
CA ASN A 296 2.73 5.82 12.54
C ASN A 296 3.71 4.78 13.07
N ALA A 297 5.01 5.02 12.92
CA ALA A 297 5.99 4.04 13.35
C ALA A 297 6.02 3.88 14.86
N ARG A 298 5.93 5.00 15.60
CA ARG A 298 5.96 4.92 17.05
C ARG A 298 4.72 4.24 17.60
N ARG A 299 3.55 4.50 16.99
CA ARG A 299 2.30 3.94 17.52
C ARG A 299 2.30 2.42 17.47
N LYS A 300 2.89 1.82 16.45
CA LYS A 300 3.04 0.38 16.39
C LYS A 300 4.26 -0.11 17.15
N LEU A 301 4.90 0.77 17.92
CA LEU A 301 6.03 0.41 18.77
C LEU A 301 7.17 -0.21 17.95
N CYS B 8 24.94 21.91 -15.18
CA CYS B 8 26.29 21.88 -15.71
C CYS B 8 26.30 21.36 -17.14
N THR B 9 27.48 20.93 -17.61
CA THR B 9 27.63 20.38 -18.95
C THR B 9 28.55 19.16 -18.95
N ARG B 10 28.50 18.35 -17.88
CA ARG B 10 29.46 17.26 -17.74
C ARG B 10 29.28 16.19 -18.81
N PHE B 11 28.05 15.98 -19.29
CA PHE B 11 27.82 14.94 -20.28
C PHE B 11 28.25 15.38 -21.68
N THR B 12 27.70 16.51 -22.15
CA THR B 12 27.98 16.94 -23.52
C THR B 12 29.45 17.28 -23.72
N ASP B 13 30.15 17.68 -22.67
CA ASP B 13 31.58 17.97 -22.79
C ASP B 13 32.41 16.70 -22.86
N GLU B 14 31.93 15.60 -22.26
CA GLU B 14 32.76 14.42 -22.05
C GLU B 14 32.24 13.15 -22.70
N TYR B 15 31.07 13.18 -23.33
CA TYR B 15 30.48 11.96 -23.89
C TYR B 15 30.12 12.17 -25.35
N GLN B 16 30.23 11.09 -26.12
CA GLN B 16 29.80 11.04 -27.51
C GLN B 16 28.63 10.08 -27.64
N LEU B 17 27.54 10.55 -28.24
CA LEU B 17 26.34 9.75 -28.41
C LEU B 17 26.45 8.88 -29.65
N PHE B 18 25.95 7.64 -29.54
CA PHE B 18 25.89 6.75 -30.68
C PHE B 18 24.47 6.20 -30.85
N GLU B 19 24.32 4.99 -31.37
CA GLU B 19 23.00 4.53 -31.78
C GLU B 19 22.09 4.31 -30.58
N GLU B 20 20.79 4.35 -30.86
CA GLU B 20 19.77 4.18 -29.84
C GLU B 20 19.55 2.70 -29.55
N LEU B 21 19.49 2.34 -28.26
CA LEU B 21 19.31 0.95 -27.86
C LEU B 21 17.84 0.61 -27.61
N GLY B 22 17.06 1.57 -27.14
CA GLY B 22 15.64 1.33 -26.89
C GLY B 22 14.99 2.60 -26.41
N LYS B 23 13.66 2.53 -26.29
CA LYS B 23 12.86 3.65 -25.83
C LYS B 23 12.06 3.25 -24.60
N GLY B 24 11.85 4.22 -23.71
CA GLY B 24 10.92 4.10 -22.62
C GLY B 24 9.63 4.83 -22.89
N ALA B 25 8.90 5.14 -21.81
CA ALA B 25 7.70 5.95 -21.95
C ALA B 25 8.04 7.34 -22.48
N PHE B 26 8.89 8.07 -21.77
CA PHE B 26 9.38 9.37 -22.19
C PHE B 26 10.89 9.46 -21.98
N SER B 27 11.60 8.46 -22.49
CA SER B 27 13.04 8.42 -22.39
C SER B 27 13.59 7.63 -23.57
N VAL B 28 14.85 7.86 -23.88
CA VAL B 28 15.58 7.08 -24.87
C VAL B 28 16.88 6.61 -24.23
N VAL B 29 17.28 5.39 -24.56
CA VAL B 29 18.55 4.83 -24.12
C VAL B 29 19.44 4.72 -25.36
N ARG B 30 20.59 5.38 -25.31
CA ARG B 30 21.53 5.37 -26.41
C ARG B 30 22.90 4.94 -25.90
N ARG B 31 23.57 4.08 -26.67
CA ARG B 31 24.96 3.76 -26.36
C ARG B 31 25.81 5.02 -26.50
N CYS B 32 26.73 5.21 -25.57
CA CYS B 32 27.58 6.39 -25.57
C CYS B 32 28.99 5.98 -25.18
N MET B 33 29.91 6.95 -25.26
CA MET B 33 31.31 6.70 -24.99
C MET B 33 31.89 7.87 -24.22
N LYS B 34 32.60 7.58 -23.13
CA LYS B 34 33.29 8.60 -22.37
C LYS B 34 34.55 9.01 -23.12
N ILE B 35 34.58 10.27 -23.56
CA ILE B 35 35.68 10.72 -24.44
C ILE B 35 37.04 10.55 -23.79
N PRO B 36 37.26 10.89 -22.50
CA PRO B 36 38.58 10.64 -21.90
C PRO B 36 39.01 9.18 -21.97
N THR B 37 38.38 8.31 -21.17
CA THR B 37 38.84 6.93 -21.06
C THR B 37 38.50 6.10 -22.28
N GLY B 38 37.51 6.50 -23.07
CA GLY B 38 37.05 5.67 -24.16
C GLY B 38 36.09 4.57 -23.77
N GLN B 39 35.76 4.46 -22.48
CA GLN B 39 34.85 3.43 -22.02
C GLN B 39 33.43 3.70 -22.51
N GLU B 40 32.76 2.65 -22.95
CA GLU B 40 31.38 2.77 -23.43
C GLU B 40 30.41 2.63 -22.27
N TYR B 41 29.22 3.21 -22.46
CA TYR B 41 28.17 3.17 -21.47
C TYR B 41 26.82 3.21 -22.18
N ALA B 42 25.75 3.07 -21.40
CA ALA B 42 24.40 3.32 -21.86
C ALA B 42 23.84 4.49 -21.07
N ALA B 43 23.29 5.48 -21.78
CA ALA B 43 22.79 6.70 -21.16
C ALA B 43 21.28 6.76 -21.34
N LYS B 44 20.55 6.79 -20.22
CA LYS B 44 19.11 7.06 -20.26
C LYS B 44 18.90 8.56 -20.31
N ILE B 45 18.31 9.04 -21.40
CA ILE B 45 18.21 10.46 -21.70
C ILE B 45 16.76 10.90 -21.55
N ILE B 46 16.52 11.92 -20.73
CA ILE B 46 15.18 12.43 -20.46
C ILE B 46 15.17 13.92 -20.77
N ASN B 47 14.19 14.34 -21.57
CA ASN B 47 14.02 15.75 -21.92
C ASN B 47 13.18 16.40 -20.82
N THR B 48 13.86 17.10 -19.91
CA THR B 48 13.20 17.68 -18.74
C THR B 48 12.38 18.92 -19.08
N LYS B 49 12.59 19.52 -20.26
CA LYS B 49 11.73 20.63 -20.68
C LYS B 49 10.30 20.20 -20.93
N LYS B 50 10.02 18.89 -20.93
CA LYS B 50 8.69 18.37 -21.19
C LYS B 50 8.11 17.63 -19.99
N LEU B 51 8.70 17.79 -18.81
CA LEU B 51 8.32 17.04 -17.63
C LEU B 51 7.58 17.94 -16.63
N SER B 52 6.53 17.39 -16.03
CA SER B 52 5.86 18.04 -14.92
C SER B 52 6.79 18.10 -13.71
N ALA B 53 6.36 18.82 -12.68
CA ALA B 53 7.09 18.80 -11.43
C ALA B 53 7.10 17.40 -10.83
N ARG B 54 6.00 16.65 -10.99
CA ARG B 54 5.94 15.29 -10.46
C ARG B 54 6.95 14.38 -11.13
N ASP B 55 7.08 14.46 -12.46
CA ASP B 55 8.01 13.57 -13.16
C ASP B 55 9.46 13.93 -12.86
N HIS B 56 9.74 15.20 -12.55
CA HIS B 56 11.11 15.58 -12.21
C HIS B 56 11.49 15.06 -10.83
N GLN B 57 10.56 15.10 -9.87
CA GLN B 57 10.85 14.51 -8.57
C GLN B 57 10.95 13.00 -8.66
N LYS B 58 10.21 12.37 -9.57
CA LYS B 58 10.41 10.96 -9.85
C LYS B 58 11.81 10.68 -10.37
N LEU B 59 12.39 11.64 -11.12
CA LEU B 59 13.73 11.46 -11.65
C LEU B 59 14.76 11.34 -10.53
N GLU B 60 14.67 12.22 -9.52
CA GLU B 60 15.62 12.18 -8.42
C GLU B 60 15.45 10.94 -7.57
N ARG B 61 14.23 10.43 -7.45
CA ARG B 61 14.03 9.16 -6.76
C ARG B 61 14.62 8.00 -7.55
N GLU B 62 14.42 7.99 -8.87
CA GLU B 62 14.99 6.94 -9.71
C GLU B 62 16.51 6.95 -9.63
N ALA B 63 17.12 8.14 -9.71
CA ALA B 63 18.57 8.23 -9.59
C ALA B 63 19.05 7.78 -8.21
N ARG B 64 18.33 8.17 -7.17
CA ARG B 64 18.69 7.73 -5.81
C ARG B 64 18.61 6.22 -5.67
N ILE B 65 17.56 5.61 -6.22
CA ILE B 65 17.40 4.17 -6.11
C ILE B 65 18.48 3.44 -6.89
N CYS B 66 18.83 3.96 -8.07
CA CYS B 66 19.85 3.31 -8.90
C CYS B 66 21.23 3.40 -8.25
N ARG B 67 21.54 4.52 -7.59
CA ARG B 67 22.82 4.65 -6.91
C ARG B 67 22.93 3.68 -5.74
N LEU B 68 21.81 3.34 -5.11
CA LEU B 68 21.82 2.48 -3.93
C LEU B 68 21.94 1.01 -4.29
N LEU B 69 21.30 0.60 -5.39
CA LEU B 69 21.23 -0.80 -5.79
C LEU B 69 22.51 -1.19 -6.52
N LYS B 70 23.35 -1.97 -5.84
CA LYS B 70 24.57 -2.52 -6.42
C LYS B 70 24.54 -4.03 -6.24
N HIS B 71 24.47 -4.76 -7.35
CA HIS B 71 24.26 -6.21 -7.34
C HIS B 71 24.63 -6.78 -8.70
N PRO B 72 25.19 -7.99 -8.76
CA PRO B 72 25.61 -8.55 -10.06
C PRO B 72 24.47 -8.79 -11.04
N ASN B 73 23.22 -8.76 -10.61
CA ASN B 73 22.08 -8.98 -11.49
C ASN B 73 21.22 -7.74 -11.66
N ILE B 74 21.78 -6.56 -11.39
CA ILE B 74 21.11 -5.28 -11.57
C ILE B 74 22.05 -4.36 -12.33
N VAL B 75 21.51 -3.60 -13.28
CA VAL B 75 22.32 -2.63 -13.99
C VAL B 75 22.92 -1.65 -13.00
N ARG B 76 24.17 -1.27 -13.23
CA ARG B 76 24.94 -0.47 -12.30
C ARG B 76 25.06 0.96 -12.80
N LEU B 77 24.68 1.91 -11.96
CA LEU B 77 24.72 3.32 -12.33
C LEU B 77 26.14 3.86 -12.24
N HIS B 78 26.58 4.54 -13.30
CA HIS B 78 27.89 5.16 -13.35
C HIS B 78 27.87 6.64 -12.99
N ASP B 79 26.84 7.37 -13.43
CA ASP B 79 26.78 8.80 -13.18
C ASP B 79 25.35 9.28 -13.39
N SER B 80 25.04 10.42 -12.79
CA SER B 80 23.76 11.11 -12.96
C SER B 80 24.06 12.58 -13.21
N ILE B 81 23.84 13.03 -14.44
CA ILE B 81 24.25 14.35 -14.89
C ILE B 81 23.00 15.15 -15.23
N SER B 82 22.85 16.32 -14.60
CA SER B 82 21.72 17.21 -14.84
C SER B 82 22.22 18.42 -15.62
N GLU B 83 21.85 18.48 -16.90
CA GLU B 83 22.10 19.64 -17.75
C GLU B 83 20.78 20.38 -17.96
N GLU B 84 20.85 21.51 -18.67
CA GLU B 84 19.65 22.29 -18.92
C GLU B 84 18.82 21.63 -20.02
N GLY B 85 17.57 21.31 -19.70
CA GLY B 85 16.67 20.68 -20.64
C GLY B 85 16.87 19.20 -20.83
N PHE B 86 17.89 18.60 -20.21
CA PHE B 86 18.16 17.18 -20.36
C PHE B 86 18.79 16.65 -19.09
N HIS B 87 18.42 15.42 -18.73
CA HIS B 87 19.05 14.70 -17.63
C HIS B 87 19.59 13.38 -18.16
N TYR B 88 20.77 13.00 -17.70
CA TYR B 88 21.47 11.82 -18.20
C TYR B 88 21.73 10.85 -17.05
N LEU B 89 21.17 9.65 -17.14
CA LEU B 89 21.49 8.55 -16.25
C LEU B 89 22.42 7.61 -17.01
N VAL B 90 23.68 7.56 -16.59
CA VAL B 90 24.71 6.79 -17.29
C VAL B 90 24.94 5.49 -16.54
N PHE B 91 24.68 4.37 -17.22
CA PHE B 91 24.88 3.04 -16.67
C PHE B 91 26.00 2.32 -17.40
N ASP B 92 26.60 1.35 -16.73
CA ASP B 92 27.51 0.44 -17.40
C ASP B 92 26.78 -0.29 -18.52
N LEU B 93 27.47 -0.48 -19.64
CA LEU B 93 26.86 -1.07 -20.83
C LEU B 93 26.88 -2.59 -20.73
N VAL B 94 25.71 -3.20 -20.94
CA VAL B 94 25.59 -4.64 -21.14
C VAL B 94 25.22 -4.87 -22.59
N THR B 95 25.86 -5.85 -23.22
CA THR B 95 25.81 -5.99 -24.67
C THR B 95 24.98 -7.20 -25.13
N GLY B 96 24.35 -7.93 -24.22
CA GLY B 96 23.63 -9.12 -24.60
C GLY B 96 22.24 -8.89 -25.16
N GLY B 97 21.72 -7.67 -25.05
CA GLY B 97 20.37 -7.39 -25.49
C GLY B 97 19.33 -7.90 -24.51
N GLU B 98 18.09 -7.91 -24.97
CA GLU B 98 16.98 -8.35 -24.14
C GLU B 98 16.94 -9.88 -24.06
N LEU B 99 16.57 -10.39 -22.88
CA LEU B 99 16.69 -11.82 -22.61
C LEU B 99 15.82 -12.65 -23.55
N PHE B 100 14.57 -12.24 -23.75
CA PHE B 100 13.66 -13.03 -24.57
C PHE B 100 14.12 -13.10 -26.02
N GLU B 101 14.81 -12.06 -26.51
CA GLU B 101 15.34 -12.09 -27.87
C GLU B 101 16.49 -13.08 -28.00
N ASP B 102 17.26 -13.28 -26.92
CA ASP B 102 18.37 -14.22 -26.98
C ASP B 102 17.89 -15.66 -26.93
N ILE B 103 16.77 -15.92 -26.24
CA ILE B 103 16.31 -17.29 -26.06
C ILE B 103 15.81 -17.87 -27.38
N VAL B 104 15.14 -17.05 -28.20
CA VAL B 104 14.62 -17.54 -29.47
C VAL B 104 15.72 -17.86 -30.48
N ALA B 105 16.97 -17.47 -30.19
CA ALA B 105 18.10 -17.77 -31.05
C ALA B 105 18.90 -18.99 -30.58
N ARG B 106 18.45 -19.66 -29.52
CA ARG B 106 19.21 -20.75 -28.93
C ARG B 106 18.84 -22.08 -29.58
N GLU B 107 19.86 -22.91 -29.79
CA GLU B 107 19.64 -24.26 -30.30
C GLU B 107 19.09 -25.19 -29.23
N TYR B 108 19.41 -24.91 -27.96
CA TYR B 108 19.07 -25.78 -26.84
C TYR B 108 18.49 -24.92 -25.72
N TYR B 109 17.26 -25.20 -25.32
CA TYR B 109 16.60 -24.44 -24.26
C TYR B 109 15.69 -25.38 -23.49
N SER B 110 15.94 -25.53 -22.19
CA SER B 110 15.24 -26.48 -21.35
C SER B 110 14.77 -25.80 -20.07
N GLU B 111 14.09 -26.58 -19.22
CA GLU B 111 13.68 -26.08 -17.90
C GLU B 111 14.88 -25.63 -17.09
N ALA B 112 16.01 -26.34 -17.21
CA ALA B 112 17.21 -25.96 -16.46
C ALA B 112 17.66 -24.56 -16.83
N ASP B 113 17.53 -24.18 -18.10
CA ASP B 113 17.90 -22.83 -18.51
C ASP B 113 16.91 -21.80 -17.98
N ALA B 114 15.62 -22.13 -17.99
CA ALA B 114 14.63 -21.21 -17.44
C ALA B 114 14.78 -21.07 -15.93
N SER B 115 15.14 -22.16 -15.25
CA SER B 115 15.38 -22.09 -13.81
C SER B 115 16.58 -21.20 -13.50
N HIS B 116 17.65 -21.32 -14.30
CA HIS B 116 18.83 -20.48 -14.10
C HIS B 116 18.49 -19.00 -14.31
N CYS B 117 17.66 -18.70 -15.30
CA CYS B 117 17.25 -17.32 -15.53
C CYS B 117 16.41 -16.79 -14.37
N ILE B 118 15.40 -17.57 -13.95
CA ILE B 118 14.53 -17.14 -12.86
C ILE B 118 15.34 -16.96 -11.57
N GLN B 119 16.35 -17.82 -11.36
CA GLN B 119 17.19 -17.69 -10.18
C GLN B 119 17.85 -16.32 -10.12
N GLN B 120 18.45 -15.88 -11.23
CA GLN B 120 19.11 -14.59 -11.25
C GLN B 120 18.12 -13.44 -11.09
N ILE B 121 16.92 -13.58 -11.67
CA ILE B 121 15.88 -12.57 -11.48
C ILE B 121 15.45 -12.50 -10.03
N LEU B 122 15.24 -13.67 -9.40
CA LEU B 122 14.87 -13.71 -8.00
C LEU B 122 15.93 -13.07 -7.12
N GLU B 123 17.21 -13.28 -7.46
CA GLU B 123 18.29 -12.67 -6.71
C GLU B 123 18.22 -11.15 -6.77
N SER B 124 17.91 -10.60 -7.95
CA SER B 124 17.79 -9.15 -8.09
C SER B 124 16.55 -8.62 -7.38
N VAL B 125 15.43 -9.35 -7.48
CA VAL B 125 14.22 -8.94 -6.80
C VAL B 125 14.41 -9.02 -5.29
N ASN B 126 15.04 -10.09 -4.81
CA ASN B 126 15.31 -10.21 -3.38
C ASN B 126 16.21 -9.08 -2.89
N HIS B 127 17.20 -8.70 -3.69
CA HIS B 127 18.09 -7.61 -3.30
C HIS B 127 17.34 -6.28 -3.26
N CYS B 128 16.41 -6.07 -4.19
CA CYS B 128 15.58 -4.87 -4.15
C CYS B 128 14.73 -4.84 -2.89
N HIS B 129 14.09 -5.97 -2.56
CA HIS B 129 13.19 -6.01 -1.41
C HIS B 129 13.94 -5.87 -0.10
N LEU B 130 15.17 -6.39 -0.01
CA LEU B 130 15.98 -6.19 1.19
C LEU B 130 16.25 -4.71 1.43
N ASN B 131 16.45 -3.95 0.35
CA ASN B 131 16.70 -2.51 0.45
C ASN B 131 15.42 -1.69 0.40
N GLY B 132 14.28 -2.30 0.71
CA GLY B 132 13.03 -1.56 0.78
C GLY B 132 12.57 -0.98 -0.55
N ILE B 133 12.92 -1.60 -1.66
CA ILE B 133 12.57 -1.13 -2.99
C ILE B 133 11.63 -2.14 -3.62
N VAL B 134 10.54 -1.63 -4.21
CA VAL B 134 9.62 -2.43 -5.00
C VAL B 134 9.70 -1.93 -6.44
N HIS B 135 9.98 -2.83 -7.37
CA HIS B 135 10.25 -2.42 -8.75
C HIS B 135 8.98 -1.98 -9.46
N ARG B 136 7.91 -2.76 -9.33
CA ARG B 136 6.55 -2.51 -9.83
C ARG B 136 6.40 -2.69 -11.34
N ASP B 137 7.45 -3.01 -12.08
CA ASP B 137 7.33 -3.14 -13.54
C ASP B 137 8.25 -4.25 -14.05
N LEU B 138 8.20 -5.41 -13.39
CA LEU B 138 8.93 -6.57 -13.87
C LEU B 138 8.30 -7.08 -15.16
N LYS B 139 9.08 -7.09 -16.24
CA LYS B 139 8.59 -7.53 -17.54
C LYS B 139 9.80 -7.91 -18.38
N PRO B 140 9.60 -8.71 -19.45
CA PRO B 140 10.75 -9.15 -20.26
C PRO B 140 11.61 -8.02 -20.80
N GLU B 141 11.00 -6.92 -21.24
CA GLU B 141 11.78 -5.82 -21.81
C GLU B 141 12.74 -5.20 -20.80
N ASN B 142 12.55 -5.44 -19.51
CA ASN B 142 13.44 -4.92 -18.48
C ASN B 142 14.51 -5.91 -18.06
N LEU B 143 14.62 -7.04 -18.75
CA LEU B 143 15.61 -8.06 -18.45
C LEU B 143 16.66 -8.08 -19.56
N LEU B 144 17.89 -7.75 -19.21
CA LEU B 144 18.99 -7.65 -20.17
C LEU B 144 20.07 -8.66 -19.83
N LEU B 145 20.82 -9.07 -20.85
CA LEU B 145 21.92 -10.01 -20.67
C LEU B 145 23.24 -9.24 -20.66
N ALA B 146 24.16 -9.69 -19.79
CA ALA B 146 25.39 -8.94 -19.56
C ALA B 146 26.25 -8.87 -20.82
N SER B 147 26.33 -9.97 -21.56
CA SER B 147 27.11 -10.01 -22.79
C SER B 147 26.47 -11.01 -23.75
N LYS B 148 27.10 -11.16 -24.92
CA LYS B 148 26.66 -12.13 -25.91
C LYS B 148 27.30 -13.50 -25.72
N SER B 149 28.07 -13.69 -24.65
CA SER B 149 28.97 -14.83 -24.55
C SER B 149 28.35 -15.94 -23.68
N LYS B 150 29.20 -16.84 -23.19
CA LYS B 150 28.75 -18.05 -22.53
C LYS B 150 28.09 -17.71 -21.20
N GLY B 151 26.83 -18.11 -21.04
CA GLY B 151 26.10 -17.99 -19.79
C GLY B 151 26.23 -16.64 -19.11
N ALA B 152 26.04 -15.56 -19.88
CA ALA B 152 26.10 -14.23 -19.31
C ALA B 152 24.97 -14.03 -18.32
N ALA B 153 25.22 -13.20 -17.30
CA ALA B 153 24.24 -12.99 -16.26
C ALA B 153 23.06 -12.18 -16.76
N VAL B 154 21.91 -12.39 -16.13
CA VAL B 154 20.71 -11.60 -16.39
C VAL B 154 20.75 -10.38 -15.49
N LYS B 155 20.39 -9.22 -16.04
CA LYS B 155 20.45 -7.96 -15.32
C LYS B 155 19.08 -7.28 -15.34
N LEU B 156 18.60 -6.89 -14.16
CA LEU B 156 17.37 -6.14 -14.05
C LEU B 156 17.64 -4.65 -14.27
N ALA B 157 16.78 -4.00 -15.04
CA ALA B 157 17.01 -2.62 -15.46
C ALA B 157 15.75 -1.79 -15.28
N ASP B 158 15.94 -0.47 -15.36
CA ASP B 158 14.88 0.53 -15.34
C ASP B 158 14.11 0.55 -14.03
N PHE B 159 14.44 1.49 -13.16
CA PHE B 159 13.73 1.70 -11.90
C PHE B 159 12.92 2.99 -11.91
N GLY B 160 12.43 3.40 -13.08
CA GLY B 160 11.68 4.63 -13.19
C GLY B 160 10.33 4.57 -12.49
N LEU B 161 9.78 3.37 -12.34
CA LEU B 161 8.52 3.17 -11.64
C LEU B 161 8.69 2.60 -10.24
N ALA B 162 9.92 2.43 -9.78
CA ALA B 162 10.17 1.83 -8.48
C ALA B 162 9.80 2.79 -7.36
N ILE B 163 9.46 2.21 -6.20
CA ILE B 163 9.06 2.98 -5.03
C ILE B 163 9.87 2.52 -3.82
N GLU B 164 9.88 3.36 -2.80
CA GLU B 164 10.47 3.04 -1.50
C GLU B 164 9.35 2.76 -0.51
N VAL B 165 9.46 1.66 0.22
CA VAL B 165 8.44 1.24 1.17
C VAL B 165 9.05 1.17 2.57
N GLN B 166 8.16 1.16 3.57
CA GLN B 166 8.55 1.09 4.98
C GLN B 166 8.45 -0.36 5.42
N GLY B 167 9.56 -1.08 5.35
CA GLY B 167 9.56 -2.46 5.78
C GLY B 167 8.58 -3.28 4.98
N ASP B 168 7.60 -3.86 5.67
CA ASP B 168 6.57 -4.68 5.03
C ASP B 168 5.18 -4.07 5.18
N GLN B 169 5.09 -2.75 5.35
CA GLN B 169 3.81 -2.08 5.41
C GLN B 169 3.20 -2.00 4.02
N GLN B 170 1.95 -2.42 3.90
CA GLN B 170 1.21 -2.32 2.64
C GLN B 170 0.46 -1.00 2.58
N ALA B 171 0.33 -0.47 1.36
CA ALA B 171 -0.40 0.77 1.14
C ALA B 171 -0.69 0.90 -0.34
N TRP B 172 -1.62 1.78 -0.67
CA TRP B 172 -1.96 2.06 -2.06
C TRP B 172 -1.02 3.12 -2.60
N PHE B 173 -0.09 2.70 -3.47
CA PHE B 173 0.90 3.59 -4.05
C PHE B 173 0.54 4.01 -5.48
N GLY B 174 -0.67 3.73 -5.93
CA GLY B 174 -1.12 4.12 -7.25
C GLY B 174 -0.86 3.05 -8.29
N PHE B 175 -1.38 3.29 -9.48
CA PHE B 175 -1.25 2.34 -10.58
C PHE B 175 0.12 2.49 -11.25
N ALA B 176 0.81 1.37 -11.39
CA ALA B 176 2.07 1.32 -12.13
C ALA B 176 2.29 -0.12 -12.57
N GLY B 177 2.91 -0.28 -13.73
CA GLY B 177 3.20 -1.57 -14.29
C GLY B 177 2.56 -1.77 -15.64
N THR B 178 2.78 -2.96 -16.19
CA THR B 178 2.31 -3.38 -17.50
C THR B 178 1.12 -4.33 -17.36
N PRO B 179 0.07 -4.14 -18.17
CA PRO B 179 -1.18 -4.89 -17.95
C PRO B 179 -1.03 -6.38 -17.71
N GLY B 180 -0.30 -7.10 -18.57
CA GLY B 180 -0.19 -8.54 -18.45
C GLY B 180 0.51 -9.03 -17.21
N TYR B 181 1.17 -8.14 -16.46
CA TYR B 181 1.95 -8.51 -15.29
C TYR B 181 1.43 -7.90 -14.00
N LEU B 182 0.32 -7.19 -14.05
CA LEU B 182 -0.23 -6.58 -12.85
C LEU B 182 -0.78 -7.63 -11.90
N SER B 183 -0.63 -7.39 -10.60
CA SER B 183 -1.07 -8.32 -9.57
C SER B 183 -2.54 -8.11 -9.25
N PRO B 184 -3.20 -9.11 -8.65
CA PRO B 184 -4.61 -8.93 -8.29
C PRO B 184 -4.85 -7.83 -7.28
N GLU B 185 -3.92 -7.61 -6.34
CA GLU B 185 -4.15 -6.58 -5.33
C GLU B 185 -4.07 -5.17 -5.93
N VAL B 186 -3.22 -4.97 -6.93
CA VAL B 186 -3.17 -3.68 -7.61
C VAL B 186 -4.46 -3.45 -8.41
N LEU B 187 -4.96 -4.51 -9.05
CA LEU B 187 -6.17 -4.36 -9.87
C LEU B 187 -7.41 -4.17 -9.01
N ARG B 188 -7.40 -4.66 -7.77
CA ARG B 188 -8.48 -4.35 -6.83
C ARG B 188 -8.32 -2.97 -6.20
N LYS B 189 -7.22 -2.27 -6.51
CA LYS B 189 -6.90 -0.98 -5.90
C LYS B 189 -6.78 -1.08 -4.38
N ASP B 190 -6.30 -2.23 -3.90
CA ASP B 190 -6.04 -2.49 -2.50
C ASP B 190 -4.61 -2.14 -2.15
N PRO B 191 -4.29 -1.99 -0.87
CA PRO B 191 -2.89 -1.80 -0.47
C PRO B 191 -2.02 -2.95 -0.96
N TYR B 192 -0.81 -2.61 -1.41
CA TYR B 192 0.11 -3.60 -1.94
C TYR B 192 1.53 -3.24 -1.52
N GLY B 193 2.47 -4.12 -1.87
CA GLY B 193 3.86 -3.90 -1.55
C GLY B 193 4.79 -4.81 -2.33
N LYS B 194 5.81 -5.32 -1.65
CA LYS B 194 6.79 -6.21 -2.30
C LYS B 194 6.18 -7.41 -3.04
N PRO B 195 5.11 -8.07 -2.56
CA PRO B 195 4.61 -9.24 -3.27
C PRO B 195 4.18 -8.99 -4.71
N VAL B 196 4.00 -7.75 -5.15
CA VAL B 196 3.58 -7.51 -6.53
C VAL B 196 4.66 -7.95 -7.50
N ASP B 197 5.94 -7.85 -7.09
CA ASP B 197 7.02 -8.27 -7.98
C ASP B 197 7.10 -9.79 -8.08
N MET B 198 6.68 -10.51 -7.04
CA MET B 198 6.67 -11.97 -7.10
C MET B 198 5.56 -12.48 -8.01
N TRP B 199 4.43 -11.77 -8.07
CA TRP B 199 3.40 -12.13 -9.03
C TRP B 199 3.90 -11.97 -10.46
N ALA B 200 4.61 -10.88 -10.73
CA ALA B 200 5.17 -10.68 -12.07
C ALA B 200 6.21 -11.74 -12.41
N CYS B 201 6.99 -12.17 -11.41
CA CYS B 201 7.94 -13.27 -11.62
C CYS B 201 7.21 -14.54 -12.05
N GLY B 202 6.05 -14.81 -11.45
CA GLY B 202 5.29 -15.99 -11.83
C GLY B 202 4.80 -15.92 -13.26
N VAL B 203 4.39 -14.74 -13.70
CA VAL B 203 3.99 -14.57 -15.10
C VAL B 203 5.18 -14.78 -16.02
N ILE B 204 6.34 -14.23 -15.66
CA ILE B 204 7.54 -14.38 -16.48
C ILE B 204 7.98 -15.84 -16.53
N LEU B 205 7.92 -16.53 -15.38
CA LEU B 205 8.30 -17.94 -15.34
C LEU B 205 7.38 -18.77 -16.22
N TYR B 206 6.08 -18.49 -16.19
CA TYR B 206 5.12 -19.18 -17.05
C TYR B 206 5.49 -19.03 -18.52
N ILE B 207 5.80 -17.80 -18.94
CA ILE B 207 6.14 -17.55 -20.33
C ILE B 207 7.46 -18.22 -20.70
N LEU B 208 8.42 -18.24 -19.77
CA LEU B 208 9.71 -18.86 -20.05
C LEU B 208 9.60 -20.36 -20.26
N LEU B 209 8.50 -20.98 -19.86
CA LEU B 209 8.35 -22.43 -20.00
C LEU B 209 7.61 -22.82 -21.28
N VAL B 210 6.58 -22.06 -21.67
CA VAL B 210 5.75 -22.42 -22.81
C VAL B 210 5.70 -21.36 -23.89
N GLY B 211 6.22 -20.15 -23.65
CA GLY B 211 6.28 -19.15 -24.68
C GLY B 211 5.01 -18.34 -24.90
N TYR B 212 4.04 -18.43 -23.99
CA TYR B 212 2.84 -17.62 -24.07
C TYR B 212 2.40 -17.26 -22.66
N PRO B 213 1.66 -16.16 -22.50
CA PRO B 213 1.35 -15.68 -21.14
C PRO B 213 0.21 -16.46 -20.52
N PRO B 214 0.16 -16.52 -19.18
CA PRO B 214 -0.95 -17.23 -18.53
C PRO B 214 -2.26 -16.47 -18.57
N PHE B 215 -2.21 -15.14 -18.64
CA PHE B 215 -3.39 -14.29 -18.74
C PHE B 215 -3.30 -13.46 -20.00
N TRP B 216 -4.33 -13.51 -20.84
CA TRP B 216 -4.34 -12.63 -22.00
C TRP B 216 -5.76 -12.38 -22.48
N ASP B 217 -5.96 -11.20 -23.02
CA ASP B 217 -7.17 -10.77 -23.71
C ASP B 217 -6.86 -9.47 -24.43
N GLU B 218 -7.49 -9.28 -25.60
CA GLU B 218 -7.31 -8.02 -26.31
C GLU B 218 -8.00 -6.87 -25.63
N ASP B 219 -8.95 -7.15 -24.73
CA ASP B 219 -9.60 -6.15 -23.90
C ASP B 219 -9.02 -6.24 -22.51
N GLN B 220 -8.41 -5.14 -22.05
CA GLN B 220 -7.70 -5.18 -20.77
C GLN B 220 -8.62 -5.40 -19.58
N HIS B 221 -9.90 -5.06 -19.70
CA HIS B 221 -10.83 -5.31 -18.59
C HIS B 221 -11.04 -6.80 -18.39
N ARG B 222 -11.29 -7.54 -19.48
CA ARG B 222 -11.44 -8.99 -19.36
C ARG B 222 -10.12 -9.62 -18.90
N LEU B 223 -9.00 -9.11 -19.38
CA LEU B 223 -7.70 -9.57 -18.90
C LEU B 223 -7.58 -9.38 -17.39
N TYR B 224 -8.01 -8.22 -16.88
CA TYR B 224 -7.89 -7.94 -15.46
C TYR B 224 -8.79 -8.85 -14.62
N GLN B 225 -9.91 -9.31 -15.17
CA GLN B 225 -10.78 -10.22 -14.42
C GLN B 225 -10.17 -11.61 -14.35
N GLN B 226 -9.47 -12.03 -15.42
CA GLN B 226 -8.73 -13.28 -15.37
C GLN B 226 -7.68 -13.24 -14.26
N ILE B 227 -6.97 -12.11 -14.16
CA ILE B 227 -5.90 -11.98 -13.16
C ILE B 227 -6.48 -12.00 -11.76
N LYS B 228 -7.54 -11.21 -11.52
CA LYS B 228 -8.10 -11.10 -10.18
C LYS B 228 -8.66 -12.43 -9.69
N ALA B 229 -9.19 -13.26 -10.60
CA ALA B 229 -9.68 -14.57 -10.24
C ALA B 229 -8.60 -15.64 -10.24
N GLY B 230 -7.36 -15.27 -10.60
CA GLY B 230 -6.30 -16.26 -10.73
C GLY B 230 -6.60 -17.33 -11.75
N ALA B 231 -7.28 -16.98 -12.85
CA ALA B 231 -7.76 -17.95 -13.82
C ALA B 231 -6.67 -18.23 -14.86
N TYR B 232 -5.74 -19.09 -14.47
CA TYR B 232 -4.77 -19.67 -15.38
C TYR B 232 -4.83 -21.19 -15.24
N ASP B 233 -4.19 -21.90 -16.17
CA ASP B 233 -4.14 -23.35 -16.10
C ASP B 233 -2.94 -23.83 -16.90
N PHE B 234 -2.71 -25.15 -16.85
CA PHE B 234 -1.58 -25.82 -17.49
C PHE B 234 -2.13 -26.77 -18.55
N PRO B 235 -2.50 -26.26 -19.72
CA PRO B 235 -3.20 -27.12 -20.70
C PRO B 235 -2.26 -28.12 -21.36
N SER B 236 -2.81 -29.31 -21.63
CA SER B 236 -2.16 -30.31 -22.47
C SER B 236 -2.13 -29.77 -23.90
N PRO B 237 -1.09 -30.12 -24.68
CA PRO B 237 0.02 -31.05 -24.41
C PRO B 237 1.30 -30.42 -23.86
N GLU B 238 1.53 -29.13 -24.08
CA GLU B 238 2.84 -28.55 -23.82
C GLU B 238 3.20 -28.60 -22.34
N TRP B 239 2.21 -28.57 -21.45
CA TRP B 239 2.49 -28.62 -20.02
C TRP B 239 2.60 -30.04 -19.49
N ASP B 240 2.27 -31.05 -20.29
CA ASP B 240 2.40 -32.44 -19.84
C ASP B 240 3.85 -32.82 -19.62
N THR B 241 4.77 -32.19 -20.35
CA THR B 241 6.19 -32.49 -20.22
C THR B 241 6.91 -31.59 -19.22
N VAL B 242 6.18 -30.69 -18.56
CA VAL B 242 6.77 -29.81 -17.55
C VAL B 242 6.69 -30.50 -16.20
N THR B 243 7.79 -30.44 -15.44
CA THR B 243 7.86 -31.11 -14.16
C THR B 243 6.82 -30.54 -13.20
N PRO B 244 6.26 -31.38 -12.32
CA PRO B 244 5.34 -30.87 -11.30
C PRO B 244 5.98 -29.83 -10.40
N GLU B 245 7.29 -29.88 -10.22
CA GLU B 245 7.97 -28.92 -9.36
C GLU B 245 7.98 -27.53 -9.97
N ALA B 246 8.09 -27.45 -11.29
CA ALA B 246 8.01 -26.15 -11.97
C ALA B 246 6.60 -25.58 -11.87
N LYS B 247 5.59 -26.44 -12.03
CA LYS B 247 4.21 -25.99 -11.84
C LYS B 247 3.96 -25.53 -10.41
N ASP B 248 4.56 -26.24 -9.44
CA ASP B 248 4.37 -25.88 -8.04
C ASP B 248 4.93 -24.50 -7.74
N LEU B 249 6.11 -24.19 -8.28
CA LEU B 249 6.70 -22.87 -8.08
C LEU B 249 5.82 -21.78 -8.71
N ILE B 250 5.27 -22.05 -9.89
CA ILE B 250 4.37 -21.10 -10.53
C ILE B 250 3.13 -20.87 -9.67
N ASN B 251 2.55 -21.95 -9.16
CA ASN B 251 1.36 -21.83 -8.31
C ASN B 251 1.65 -20.99 -7.08
N LYS B 252 2.84 -21.14 -6.50
CA LYS B 252 3.17 -20.38 -5.30
C LYS B 252 3.46 -18.93 -5.60
N MET B 253 3.89 -18.62 -6.84
CA MET B 253 4.07 -17.24 -7.23
C MET B 253 2.75 -16.60 -7.65
N LEU B 254 1.89 -17.35 -8.32
CA LEU B 254 0.60 -16.84 -8.76
C LEU B 254 -0.50 -17.08 -7.75
N THR B 255 -0.22 -16.81 -6.48
CA THR B 255 -1.20 -16.93 -5.42
C THR B 255 -1.88 -15.58 -5.20
N ILE B 256 -3.22 -15.60 -5.19
CA ILE B 256 -3.98 -14.36 -5.07
C ILE B 256 -3.70 -13.68 -3.74
N ASN B 257 -3.81 -14.42 -2.64
CA ASN B 257 -3.52 -13.92 -1.30
C ASN B 257 -2.07 -13.44 -1.24
N PRO B 258 -1.85 -12.13 -1.15
CA PRO B 258 -0.46 -11.62 -1.24
C PRO B 258 0.41 -12.04 -0.07
N ALA B 259 -0.17 -12.22 1.13
CA ALA B 259 0.62 -12.64 2.28
C ALA B 259 1.01 -14.11 2.19
N LYS B 260 0.22 -14.92 1.49
CA LYS B 260 0.53 -16.32 1.28
C LYS B 260 1.43 -16.53 0.07
N ARG B 261 1.49 -15.57 -0.85
CA ARG B 261 2.38 -15.66 -2.00
C ARG B 261 3.81 -15.87 -1.56
N ILE B 262 4.53 -16.73 -2.30
CA ILE B 262 5.91 -17.03 -1.97
C ILE B 262 6.75 -15.76 -2.14
N THR B 263 7.72 -15.58 -1.26
CA THR B 263 8.62 -14.44 -1.36
C THR B 263 9.84 -14.81 -2.18
N ALA B 264 10.64 -13.79 -2.52
CA ALA B 264 11.85 -14.02 -3.31
C ALA B 264 12.83 -14.89 -2.53
N SER B 265 12.98 -14.65 -1.23
CA SER B 265 13.87 -15.47 -0.42
C SER B 265 13.40 -16.92 -0.37
N GLU B 266 12.09 -17.13 -0.20
CA GLU B 266 11.56 -18.49 -0.16
C GLU B 266 11.64 -19.16 -1.53
N ALA B 267 11.46 -18.39 -2.61
CA ALA B 267 11.51 -18.98 -3.94
C ALA B 267 12.90 -19.47 -4.30
N LEU B 268 13.94 -18.79 -3.81
CA LEU B 268 15.31 -19.25 -4.06
C LEU B 268 15.62 -20.55 -3.34
N LYS B 269 14.83 -20.93 -2.34
CA LYS B 269 14.99 -22.20 -1.66
C LYS B 269 14.09 -23.30 -2.22
N HIS B 270 13.31 -22.99 -3.26
CA HIS B 270 12.48 -24.01 -3.89
C HIS B 270 13.38 -25.02 -4.62
N PRO B 271 13.05 -26.32 -4.54
CA PRO B 271 13.95 -27.32 -5.14
C PRO B 271 14.15 -27.16 -6.64
N TRP B 272 13.16 -26.67 -7.37
CA TRP B 272 13.34 -26.43 -8.80
C TRP B 272 14.38 -25.35 -9.05
N ILE B 273 14.68 -24.52 -8.07
CA ILE B 273 15.66 -23.45 -8.19
C ILE B 273 17.01 -23.87 -7.62
N CYS B 274 17.03 -24.37 -6.37
CA CYS B 274 18.27 -24.67 -5.67
C CYS B 274 18.74 -26.10 -5.86
N GLN B 275 17.96 -26.94 -6.54
CA GLN B 275 18.37 -28.29 -6.92
C GLN B 275 18.14 -28.48 -8.41
N ARG B 276 18.67 -27.54 -9.20
CA ARG B 276 18.31 -27.43 -10.61
C ARG B 276 18.73 -28.66 -11.41
N SER B 277 19.94 -29.18 -11.16
CA SER B 277 20.47 -30.25 -11.98
C SER B 277 19.71 -31.56 -11.81
N THR B 278 19.04 -31.76 -10.68
CA THR B 278 18.32 -33.00 -10.43
C THR B 278 16.80 -32.86 -10.47
N VAL B 279 16.27 -31.63 -10.45
CA VAL B 279 14.84 -31.40 -10.40
C VAL B 279 14.31 -30.82 -11.71
N ALA B 280 15.07 -29.93 -12.35
CA ALA B 280 14.63 -29.34 -13.60
C ALA B 280 14.93 -30.26 -14.77
N SER B 281 13.98 -30.35 -15.70
CA SER B 281 14.16 -31.19 -16.87
C SER B 281 15.20 -30.59 -17.82
N MET B 282 15.96 -31.47 -18.45
CA MET B 282 16.95 -31.07 -19.45
C MET B 282 16.43 -31.21 -20.87
N MET B 283 15.15 -31.52 -21.04
CA MET B 283 14.58 -31.73 -22.37
C MET B 283 14.47 -30.41 -23.11
N HIS B 284 14.93 -30.40 -24.36
CA HIS B 284 14.81 -29.22 -25.20
C HIS B 284 13.34 -28.98 -25.52
N ARG B 285 12.89 -27.73 -25.37
CA ARG B 285 11.51 -27.34 -25.58
C ARG B 285 11.43 -26.46 -26.82
N GLN B 286 11.43 -27.10 -27.99
CA GLN B 286 11.43 -26.35 -29.25
C GLN B 286 10.15 -25.54 -29.44
N GLU B 287 9.00 -26.09 -29.03
CA GLU B 287 7.77 -25.32 -29.22
C GLU B 287 7.73 -24.08 -28.32
N THR B 288 8.48 -24.10 -27.21
CA THR B 288 8.60 -22.88 -26.40
C THR B 288 9.39 -21.81 -27.17
N VAL B 289 10.44 -22.21 -27.87
CA VAL B 289 11.22 -21.25 -28.66
C VAL B 289 10.37 -20.67 -29.78
N ASP B 290 9.62 -21.54 -30.48
CA ASP B 290 8.75 -21.08 -31.55
C ASP B 290 7.68 -20.13 -31.01
N CYS B 291 7.06 -20.50 -29.88
CA CYS B 291 6.03 -19.65 -29.30
C CYS B 291 6.60 -18.32 -28.83
N LEU B 292 7.84 -18.33 -28.34
CA LEU B 292 8.46 -17.08 -27.90
C LEU B 292 8.69 -16.14 -29.08
N LYS B 293 9.01 -16.69 -30.25
CA LYS B 293 9.17 -15.85 -31.44
C LYS B 293 7.87 -15.11 -31.74
N LYS B 294 6.74 -15.81 -31.67
CA LYS B 294 5.45 -15.15 -31.81
C LYS B 294 5.24 -14.12 -30.72
N PHE B 295 5.58 -14.46 -29.48
CA PHE B 295 5.40 -13.56 -28.36
C PHE B 295 6.18 -12.26 -28.57
N ASN B 296 7.47 -12.36 -28.88
CA ASN B 296 8.29 -11.17 -29.07
C ASN B 296 7.79 -10.32 -30.22
N ALA B 297 7.45 -10.97 -31.34
CA ALA B 297 7.00 -10.21 -32.52
C ALA B 297 5.69 -9.49 -32.26
N ARG B 298 4.80 -10.08 -31.46
CA ARG B 298 3.49 -9.48 -31.23
C ARG B 298 3.56 -8.28 -30.28
N ARG B 299 4.55 -8.24 -29.39
CA ARG B 299 4.69 -7.14 -28.45
C ARG B 299 5.44 -5.95 -29.02
N LYS B 300 5.92 -6.04 -30.26
CA LYS B 300 6.56 -4.90 -30.92
C LYS B 300 5.53 -4.12 -31.73
#